data_7LVJ
#
_entry.id   7LVJ
#
_cell.length_a   100.912
_cell.length_b   49.766
_cell.length_c   52.271
_cell.angle_alpha   90.000
_cell.angle_beta   116.360
_cell.angle_gamma   90.000
#
_symmetry.space_group_name_H-M   'C 1 2 1'
#
loop_
_entity.id
_entity.type
_entity.pdbx_description
1 polymer 'Isoform 9 of Caspase-8'
2 water water
#
_entity_poly.entity_id   1
_entity_poly.type   'polypeptide(L)'
_entity_poly.pdbx_seq_one_letter_code
;MSLEGGRRARVVIESKRNFFLGAFPTPFPAEHVELGRLGDSETAMVPGKGGADYILLPFKKMDFSRNLYDIGEQLDSEDL
ASLKFLSLDYIPQRKQEPIKDALMLFQRLQEKRMLEESNLSFLKELLFRINRLDLLITYLNTRKEEMERELQTPGRAQIS
AYRVMLYQISEEVSRSELRSFKALLQEEDSKCKLDDDMNLLDIFIEMEKRVILGEGKLDILKRVCAQINKSLLKIINDYE
EFSKERSSSEGHHHHHH
;
_entity_poly.pdbx_strand_id   A
#
# COMPACT_ATOMS: atom_id res chain seq x y z
N MET A 62 6.10 -21.07 -20.12
CA MET A 62 5.85 -19.78 -19.41
C MET A 62 4.88 -18.89 -20.20
N ASP A 63 3.58 -19.01 -19.89
CA ASP A 63 2.51 -18.24 -20.53
C ASP A 63 2.19 -17.01 -19.66
N PHE A 64 2.66 -15.85 -20.07
CA PHE A 64 2.58 -14.61 -19.28
C PHE A 64 1.14 -14.19 -18.96
N SER A 65 0.28 -14.17 -19.97
CA SER A 65 -1.10 -13.78 -19.73
C SER A 65 -1.83 -14.74 -18.81
N ARG A 66 -1.59 -16.04 -18.99
CA ARG A 66 -2.24 -17.04 -18.18
C ARG A 66 -1.76 -16.92 -16.75
N ASN A 67 -0.45 -16.61 -16.60
CA ASN A 67 0.15 -16.44 -15.28
C ASN A 67 -0.49 -15.27 -14.53
N LEU A 68 -0.69 -14.14 -15.21
CA LEU A 68 -1.41 -13.00 -14.62
C LEU A 68 -2.81 -13.40 -14.16
N TYR A 69 -3.55 -14.11 -15.00
CA TYR A 69 -4.86 -14.62 -14.61
C TYR A 69 -4.76 -15.53 -13.37
N ASP A 70 -3.79 -16.45 -13.38
CA ASP A 70 -3.65 -17.42 -12.30
C ASP A 70 -3.35 -16.68 -10.98
N ILE A 71 -2.44 -15.71 -11.04
CA ILE A 71 -2.15 -14.91 -9.85
C ILE A 71 -3.42 -14.21 -9.36
N GLY A 72 -4.12 -13.56 -10.28
CA GLY A 72 -5.35 -12.84 -9.96
C GLY A 72 -6.41 -13.71 -9.28
N GLU A 73 -6.50 -14.99 -9.68
CA GLU A 73 -7.49 -15.89 -9.09
C GLU A 73 -7.21 -16.24 -7.63
N GLN A 74 -5.95 -16.09 -7.21
CA GLN A 74 -5.57 -16.38 -5.85
C GLN A 74 -5.64 -15.17 -4.91
N LEU A 75 -5.80 -13.98 -5.48
CA LEU A 75 -5.89 -12.77 -4.70
C LEU A 75 -7.32 -12.51 -4.28
N ASP A 76 -7.50 -12.20 -3.01
CA ASP A 76 -8.84 -11.96 -2.46
C ASP A 76 -9.21 -10.46 -2.46
N SER A 77 -10.40 -10.13 -1.99
CA SER A 77 -10.83 -8.73 -1.97
C SER A 77 -9.93 -7.83 -1.12
N GLU A 78 -9.42 -8.34 -0.01
CA GLU A 78 -8.52 -7.58 0.84
C GLU A 78 -7.24 -7.29 0.07
N ASP A 79 -6.69 -8.32 -0.59
CA ASP A 79 -5.50 -8.14 -1.40
C ASP A 79 -5.72 -7.10 -2.49
N LEU A 80 -6.88 -7.14 -3.15
CA LEU A 80 -7.16 -6.16 -4.21
C LEU A 80 -7.16 -4.75 -3.66
N ALA A 81 -7.82 -4.54 -2.53
CA ALA A 81 -7.86 -3.23 -1.92
C ALA A 81 -6.45 -2.76 -1.53
N SER A 82 -5.63 -3.68 -1.04
CA SER A 82 -4.25 -3.36 -0.67
C SER A 82 -3.40 -3.00 -1.88
N LEU A 83 -3.55 -3.78 -2.95
CA LEU A 83 -2.80 -3.55 -4.18
C LEU A 83 -3.21 -2.23 -4.82
N LYS A 84 -4.50 -1.93 -4.79
CA LYS A 84 -5.01 -0.64 -5.27
C LYS A 84 -4.38 0.51 -4.47
N PHE A 85 -4.36 0.39 -3.15
CA PHE A 85 -3.74 1.44 -2.32
C PHE A 85 -2.26 1.64 -2.67
N LEU A 86 -1.54 0.52 -2.80
CA LEU A 86 -0.11 0.58 -3.11
C LEU A 86 0.18 1.07 -4.52
N SER A 87 -0.86 1.14 -5.36
CA SER A 87 -0.72 1.61 -6.73
C SER A 87 -1.16 3.06 -6.92
N LEU A 88 -1.45 3.76 -5.83
CA LEU A 88 -2.15 5.05 -5.87
C LEU A 88 -1.46 6.18 -6.58
N ASP A 89 -0.13 6.15 -6.59
N ASP A 89 -0.12 6.15 -6.54
CA ASP A 89 0.66 7.21 -7.22
CA ASP A 89 0.75 7.14 -7.21
C ASP A 89 1.03 6.88 -8.68
C ASP A 89 0.63 7.04 -8.72
N TYR A 90 0.39 5.83 -9.21
CA TYR A 90 0.39 5.53 -10.65
C TYR A 90 -1.01 5.48 -11.21
N ILE A 91 -1.94 4.90 -10.45
CA ILE A 91 -3.35 4.86 -10.79
C ILE A 91 -4.09 5.67 -9.74
N PRO A 92 -4.43 6.92 -10.08
CA PRO A 92 -5.11 7.80 -9.14
C PRO A 92 -6.37 7.19 -8.53
N GLN A 93 -6.68 7.61 -7.31
N GLN A 93 -6.67 7.59 -7.30
CA GLN A 93 -7.79 7.07 -6.53
CA GLN A 93 -7.80 7.04 -6.55
C GLN A 93 -9.12 6.97 -7.28
C GLN A 93 -9.10 6.94 -7.34
N ARG A 94 -9.51 8.03 -7.99
CA ARG A 94 -10.80 8.05 -8.68
C ARG A 94 -10.86 7.21 -9.98
N LYS A 95 -9.70 6.76 -10.45
CA LYS A 95 -9.58 5.88 -11.62
C LYS A 95 -9.55 4.38 -11.28
N GLN A 96 -9.70 4.05 -10.01
CA GLN A 96 -9.66 2.65 -9.59
C GLN A 96 -11.05 1.98 -9.53
N GLU A 97 -12.11 2.79 -9.56
CA GLU A 97 -13.49 2.30 -9.51
C GLU A 97 -13.84 1.17 -10.50
N PRO A 98 -13.47 1.32 -11.80
CA PRO A 98 -13.82 0.22 -12.70
C PRO A 98 -12.95 -1.03 -12.55
N ILE A 99 -11.92 -0.97 -11.70
CA ILE A 99 -11.03 -2.11 -11.46
C ILE A 99 -11.68 -3.07 -10.44
N LYS A 100 -12.30 -4.14 -10.95
CA LYS A 100 -13.12 -5.04 -10.14
C LYS A 100 -12.43 -6.30 -9.64
N ASP A 101 -11.31 -6.67 -10.28
CA ASP A 101 -10.54 -7.80 -9.84
C ASP A 101 -9.06 -7.53 -10.09
N ALA A 102 -8.21 -8.42 -9.59
CA ALA A 102 -6.77 -8.21 -9.69
C ALA A 102 -6.27 -8.23 -11.14
N LEU A 103 -6.85 -9.08 -11.98
CA LEU A 103 -6.43 -9.10 -13.39
C LEU A 103 -6.66 -7.74 -14.06
N MET A 104 -7.80 -7.09 -13.76
CA MET A 104 -8.05 -5.74 -14.25
C MET A 104 -7.04 -4.71 -13.76
N LEU A 105 -6.57 -4.86 -12.52
CA LEU A 105 -5.49 -4.02 -12.04
C LEU A 105 -4.23 -4.28 -12.86
N PHE A 106 -3.92 -5.56 -13.07
CA PHE A 106 -2.72 -5.92 -13.83
C PHE A 106 -2.80 -5.39 -15.26
N GLN A 107 -4.00 -5.36 -15.83
CA GLN A 107 -4.17 -4.87 -17.20
C GLN A 107 -3.97 -3.36 -17.30
N ARG A 108 -4.43 -2.63 -16.28
CA ARG A 108 -4.14 -1.20 -16.22
C ARG A 108 -2.64 -0.95 -16.11
N LEU A 109 -1.95 -1.76 -15.30
CA LEU A 109 -0.51 -1.64 -15.20
C LEU A 109 0.18 -1.99 -16.52
N GLN A 110 -0.40 -2.91 -17.29
CA GLN A 110 0.14 -3.22 -18.63
C GLN A 110 0.00 -2.03 -19.56
N GLU A 111 -1.15 -1.38 -19.51
CA GLU A 111 -1.41 -0.20 -20.34
C GLU A 111 -0.40 0.91 -20.05
N LYS A 112 0.02 1.00 -18.80
CA LYS A 112 0.97 2.03 -18.38
C LYS A 112 2.43 1.60 -18.55
N ARG A 113 2.62 0.43 -19.16
CA ARG A 113 3.94 -0.17 -19.38
C ARG A 113 4.71 -0.37 -18.07
N MET A 114 3.97 -0.58 -16.98
N MET A 114 3.99 -0.59 -16.97
CA MET A 114 4.54 -0.86 -15.66
CA MET A 114 4.62 -0.89 -15.69
C MET A 114 4.72 -2.36 -15.48
C MET A 114 4.59 -2.37 -15.39
N LEU A 115 4.04 -3.14 -16.33
CA LEU A 115 4.00 -4.59 -16.24
C LEU A 115 3.97 -5.12 -17.67
N GLU A 116 4.96 -5.93 -18.00
CA GLU A 116 5.15 -6.47 -19.34
C GLU A 116 5.83 -7.81 -19.16
N GLU A 117 5.82 -8.63 -20.21
N GLU A 117 5.82 -8.62 -20.22
CA GLU A 117 6.45 -9.95 -20.13
CA GLU A 117 6.45 -9.94 -20.19
C GLU A 117 7.91 -9.85 -19.66
C GLU A 117 7.90 -9.87 -19.70
N SER A 118 8.62 -8.85 -20.16
CA SER A 118 10.02 -8.63 -19.80
C SER A 118 10.22 -7.63 -18.66
N ASN A 119 9.16 -7.36 -17.91
CA ASN A 119 9.22 -6.33 -16.87
C ASN A 119 8.25 -6.67 -15.74
N LEU A 120 8.71 -7.53 -14.84
CA LEU A 120 7.88 -8.04 -13.77
C LEU A 120 8.16 -7.36 -12.42
N SER A 121 9.04 -6.36 -12.39
CA SER A 121 9.54 -5.86 -11.11
C SER A 121 8.44 -5.23 -10.28
N PHE A 122 7.55 -4.47 -10.89
CA PHE A 122 6.51 -3.81 -10.10
C PHE A 122 5.52 -4.82 -9.54
N LEU A 123 5.15 -5.82 -10.36
CA LEU A 123 4.27 -6.89 -9.89
C LEU A 123 4.89 -7.61 -8.71
N LYS A 124 6.18 -7.91 -8.80
CA LYS A 124 6.86 -8.58 -7.71
C LYS A 124 6.90 -7.72 -6.45
N GLU A 125 7.17 -6.43 -6.61
CA GLU A 125 7.19 -5.50 -5.47
C GLU A 125 5.81 -5.41 -4.81
N LEU A 126 4.76 -5.32 -5.60
CA LEU A 126 3.40 -5.25 -5.07
C LEU A 126 3.11 -6.51 -4.25
N LEU A 127 3.37 -7.68 -4.82
CA LEU A 127 3.04 -8.94 -4.16
C LEU A 127 3.86 -9.13 -2.87
N PHE A 128 5.12 -8.70 -2.92
CA PHE A 128 5.95 -8.73 -1.73
C PHE A 128 5.41 -7.83 -0.64
N ARG A 129 5.08 -6.60 -1.01
CA ARG A 129 4.59 -5.66 0.02
C ARG A 129 3.27 -6.11 0.64
N ILE A 130 2.42 -6.79 -0.13
CA ILE A 130 1.17 -7.28 0.50
C ILE A 130 1.36 -8.66 1.14
N ASN A 131 2.60 -9.15 1.17
CA ASN A 131 2.98 -10.39 1.89
C ASN A 131 2.46 -11.67 1.25
N ARG A 132 2.19 -11.64 -0.07
CA ARG A 132 1.83 -12.88 -0.76
C ARG A 132 3.10 -13.59 -1.22
N LEU A 133 3.92 -13.98 -0.25
CA LEU A 133 5.16 -14.71 -0.54
C LEU A 133 4.85 -16.05 -1.20
N ASP A 134 3.68 -16.60 -0.88
CA ASP A 134 3.22 -17.85 -1.48
C ASP A 134 3.08 -17.73 -3.01
N LEU A 135 2.46 -16.65 -3.46
CA LEU A 135 2.25 -16.43 -4.88
C LEU A 135 3.56 -16.06 -5.59
N LEU A 136 4.44 -15.35 -4.89
CA LEU A 136 5.79 -15.06 -5.45
C LEU A 136 6.55 -16.36 -5.76
N ILE A 137 6.45 -17.35 -4.86
CA ILE A 137 7.09 -18.65 -5.09
C ILE A 137 6.39 -19.38 -6.23
N THR A 138 5.08 -19.55 -6.10
CA THR A 138 4.37 -20.44 -7.02
C THR A 138 4.38 -19.97 -8.46
N TYR A 139 4.09 -18.69 -8.65
CA TYR A 139 3.85 -18.17 -9.98
C TYR A 139 5.00 -17.35 -10.53
N LEU A 140 5.92 -16.92 -9.67
CA LEU A 140 7.00 -16.08 -10.13
C LEU A 140 8.40 -16.57 -9.72
N ASN A 141 8.44 -17.77 -9.13
N ASN A 141 8.49 -17.76 -9.15
CA ASN A 141 9.67 -18.39 -8.61
CA ASN A 141 9.80 -18.32 -8.74
C ASN A 141 10.63 -17.37 -7.99
C ASN A 141 10.68 -17.34 -7.99
N THR A 142 10.08 -16.57 -7.07
CA THR A 142 10.79 -15.47 -6.43
C THR A 142 10.67 -15.63 -4.90
N ARG A 143 11.83 -15.54 -4.24
CA ARG A 143 11.95 -15.70 -2.79
C ARG A 143 11.98 -14.36 -2.04
N LYS A 144 11.55 -14.40 -0.78
CA LYS A 144 11.64 -13.26 0.11
C LYS A 144 13.05 -12.65 0.16
N GLU A 145 14.07 -13.50 0.22
CA GLU A 145 15.49 -13.10 0.23
C GLU A 145 15.85 -12.23 -0.95
N GLU A 146 15.40 -12.63 -2.13
CA GLU A 146 15.66 -11.83 -3.34
C GLU A 146 14.99 -10.47 -3.26
N MET A 147 13.73 -10.44 -2.83
CA MET A 147 13.01 -9.18 -2.78
C MET A 147 13.59 -8.20 -1.77
N GLU A 148 14.05 -8.72 -0.62
CA GLU A 148 14.67 -7.86 0.39
C GLU A 148 15.94 -7.24 -0.17
N ARG A 149 16.74 -8.05 -0.85
CA ARG A 149 17.99 -7.55 -1.44
C ARG A 149 17.71 -6.52 -2.52
N GLU A 150 16.76 -6.82 -3.40
CA GLU A 150 16.43 -5.91 -4.50
C GLU A 150 15.87 -4.60 -4.01
N LEU A 151 14.93 -4.64 -3.08
CA LEU A 151 14.23 -3.43 -2.68
C LEU A 151 15.05 -2.57 -1.73
N GLN A 152 16.13 -3.12 -1.21
CA GLN A 152 17.06 -2.38 -0.35
C GLN A 152 18.10 -1.65 -1.17
N THR A 153 18.16 -1.96 -2.46
CA THR A 153 19.05 -1.27 -3.39
C THR A 153 18.45 0.08 -3.76
N PRO A 154 19.18 1.18 -3.47
CA PRO A 154 18.67 2.51 -3.82
C PRO A 154 18.18 2.60 -5.26
N GLY A 155 17.00 3.21 -5.43
CA GLY A 155 16.38 3.37 -6.74
C GLY A 155 15.56 2.22 -7.31
N ARG A 156 15.61 1.04 -6.68
CA ARG A 156 14.93 -0.13 -7.25
C ARG A 156 13.41 -0.13 -7.00
N ALA A 157 13.02 0.29 -5.81
CA ALA A 157 11.62 0.29 -5.44
C ALA A 157 10.88 1.34 -6.25
N GLN A 158 9.68 0.99 -6.71
CA GLN A 158 8.86 1.86 -7.51
C GLN A 158 7.66 2.41 -6.72
N ILE A 159 7.30 1.75 -5.61
CA ILE A 159 6.26 2.30 -4.73
C ILE A 159 6.97 3.31 -3.83
N SER A 160 6.37 4.49 -3.65
CA SER A 160 7.04 5.51 -2.83
C SER A 160 7.19 5.09 -1.38
N ALA A 161 8.24 5.57 -0.74
CA ALA A 161 8.47 5.26 0.67
C ALA A 161 7.27 5.73 1.53
N TYR A 162 6.69 6.87 1.16
CA TYR A 162 5.47 7.34 1.82
C TYR A 162 4.31 6.36 1.75
N ARG A 163 4.05 5.83 0.55
CA ARG A 163 2.93 4.93 0.39
C ARG A 163 3.17 3.61 1.11
N VAL A 164 4.42 3.14 1.10
CA VAL A 164 4.80 1.93 1.82
C VAL A 164 4.64 2.14 3.34
N MET A 165 5.06 3.32 3.82
CA MET A 165 4.96 3.66 5.22
C MET A 165 3.48 3.56 5.69
N LEU A 166 2.57 4.17 4.93
CA LEU A 166 1.15 4.10 5.32
C LEU A 166 0.64 2.66 5.29
N TYR A 167 1.02 1.92 4.25
CA TYR A 167 0.58 0.56 4.16
C TYR A 167 1.11 -0.25 5.35
N GLN A 168 2.35 -0.01 5.75
CA GLN A 168 2.93 -0.78 6.86
C GLN A 168 2.24 -0.44 8.18
N ILE A 169 1.79 0.81 8.36
CA ILE A 169 0.99 1.14 9.53
C ILE A 169 -0.29 0.30 9.53
N SER A 170 -0.95 0.20 8.37
N SER A 170 -0.96 0.22 8.39
CA SER A 170 -2.20 -0.58 8.27
CA SER A 170 -2.19 -0.55 8.32
C SER A 170 -2.01 -2.06 8.54
C SER A 170 -1.93 -2.01 8.69
N GLU A 171 -0.84 -2.58 8.20
CA GLU A 171 -0.51 -3.99 8.51
C GLU A 171 -0.33 -4.23 10.00
N GLU A 172 0.18 -3.22 10.71
CA GLU A 172 0.53 -3.36 12.13
C GLU A 172 -0.68 -3.16 13.04
N VAL A 173 -1.61 -2.30 12.62
CA VAL A 173 -2.75 -1.92 13.43
C VAL A 173 -3.71 -3.10 13.64
N SER A 174 -4.07 -3.34 14.90
CA SER A 174 -5.04 -4.40 15.23
C SER A 174 -6.48 -3.88 15.11
N ARG A 175 -7.48 -4.75 15.26
CA ARG A 175 -8.88 -4.34 15.17
C ARG A 175 -9.22 -3.31 16.24
N SER A 176 -8.74 -3.53 17.46
CA SER A 176 -8.98 -2.57 18.53
C SER A 176 -8.25 -1.25 18.30
N GLU A 177 -7.02 -1.32 17.79
CA GLU A 177 -6.26 -0.10 17.47
C GLU A 177 -6.94 0.71 16.36
N LEU A 178 -7.61 0.04 15.44
CA LEU A 178 -8.36 0.73 14.38
C LEU A 178 -9.53 1.52 14.98
N ARG A 179 -10.24 0.95 15.95
CA ARG A 179 -11.27 1.69 16.64
C ARG A 179 -10.69 2.92 17.33
N SER A 180 -9.52 2.75 17.96
CA SER A 180 -8.88 3.88 18.63
C SER A 180 -8.48 4.96 17.61
N PHE A 181 -7.96 4.52 16.46
CA PHE A 181 -7.55 5.48 15.42
C PHE A 181 -8.72 6.38 15.02
N LYS A 182 -9.87 5.78 14.77
N LYS A 182 -9.88 5.78 14.76
CA LYS A 182 -11.06 6.56 14.42
CA LYS A 182 -11.06 6.56 14.40
C LYS A 182 -11.43 7.56 15.50
C LYS A 182 -11.43 7.56 15.50
N ALA A 183 -11.46 7.08 16.74
CA ALA A 183 -11.85 7.93 17.87
C ALA A 183 -10.89 9.09 18.06
N LEU A 184 -9.59 8.80 17.97
CA LEU A 184 -8.56 9.81 18.16
C LEU A 184 -8.52 10.80 17.00
N LEU A 185 -8.75 10.32 15.77
CA LEU A 185 -8.78 11.22 14.62
C LEU A 185 -9.95 12.20 14.77
N GLN A 186 -11.08 11.71 15.26
CA GLN A 186 -12.24 12.58 15.47
CA GLN A 186 -12.23 12.58 15.46
C GLN A 186 -11.95 13.69 16.48
N GLU A 187 -11.06 13.45 17.44
CA GLU A 187 -10.65 14.53 18.35
C GLU A 187 -9.81 15.62 17.67
N GLU A 188 -9.08 15.21 16.62
CA GLU A 188 -8.08 16.06 15.97
C GLU A 188 -8.63 16.76 14.75
N ASP A 189 -9.71 16.21 14.20
CA ASP A 189 -10.22 16.66 12.91
C ASP A 189 -11.72 16.46 12.83
N SER A 190 -12.39 17.38 12.13
CA SER A 190 -13.82 17.26 11.88
C SER A 190 -14.15 17.17 10.38
N LYS A 191 -13.13 17.33 9.53
CA LYS A 191 -13.31 17.33 8.06
C LYS A 191 -13.57 15.93 7.48
N CYS A 192 -12.96 14.91 8.08
CA CYS A 192 -13.11 13.56 7.56
C CYS A 192 -14.49 12.96 7.80
N LYS A 193 -15.03 12.30 6.78
CA LYS A 193 -16.25 11.52 6.93
C LYS A 193 -15.84 10.09 7.25
N LEU A 194 -16.05 9.69 8.50
CA LEU A 194 -15.63 8.37 8.99
C LEU A 194 -16.82 7.52 9.40
N ASP A 195 -16.67 6.20 9.25
CA ASP A 195 -17.66 5.23 9.76
C ASP A 195 -16.98 3.95 10.23
N ASP A 196 -17.75 3.09 10.89
CA ASP A 196 -17.21 1.91 11.56
C ASP A 196 -16.89 0.77 10.60
N ASP A 197 -17.31 0.91 9.34
CA ASP A 197 -17.03 -0.11 8.32
C ASP A 197 -15.66 0.11 7.67
N MET A 198 -15.16 1.33 7.76
CA MET A 198 -13.91 1.71 7.09
C MET A 198 -12.70 1.05 7.73
N ASN A 199 -11.80 0.56 6.88
CA ASN A 199 -10.52 0.08 7.38
C ASN A 199 -9.52 1.24 7.41
N LEU A 200 -8.29 0.97 7.87
CA LEU A 200 -7.33 2.06 8.02
C LEU A 200 -6.91 2.64 6.66
N LEU A 201 -6.77 1.79 5.65
CA LEU A 201 -6.46 2.33 4.32
C LEU A 201 -7.55 3.32 3.84
N ASP A 202 -8.82 2.97 4.08
CA ASP A 202 -9.96 3.85 3.75
C ASP A 202 -9.86 5.16 4.51
N ILE A 203 -9.49 5.07 5.80
CA ILE A 203 -9.27 6.30 6.57
C ILE A 203 -8.15 7.19 5.96
N PHE A 204 -7.04 6.57 5.59
CA PHE A 204 -5.93 7.32 4.98
C PHE A 204 -6.37 8.02 3.70
N ILE A 205 -7.13 7.30 2.86
CA ILE A 205 -7.63 7.86 1.60
C ILE A 205 -8.50 9.10 1.92
N GLU A 206 -9.37 8.95 2.91
CA GLU A 206 -10.19 10.09 3.37
C GLU A 206 -9.34 11.26 3.91
N MET A 207 -8.32 10.98 4.73
CA MET A 207 -7.42 12.02 5.23
C MET A 207 -6.70 12.75 4.10
N GLU A 208 -6.32 12.00 3.07
CA GLU A 208 -5.66 12.56 1.90
C GLU A 208 -6.64 13.43 1.10
N LYS A 209 -7.89 12.96 0.96
CA LYS A 209 -8.94 13.75 0.28
C LYS A 209 -9.16 15.10 0.98
N ARG A 210 -9.06 15.09 2.30
CA ARG A 210 -9.29 16.30 3.09
C ARG A 210 -8.01 17.11 3.31
N VAL A 211 -6.93 16.70 2.63
CA VAL A 211 -5.61 17.33 2.65
C VAL A 211 -5.01 17.52 4.05
N ILE A 212 -5.30 16.57 4.95
CA ILE A 212 -4.71 16.58 6.30
C ILE A 212 -3.66 15.49 6.46
N LEU A 213 -3.45 14.74 5.38
CA LEU A 213 -2.37 13.76 5.28
C LEU A 213 -1.76 13.84 3.90
N GLY A 214 -0.44 13.76 3.86
CA GLY A 214 0.34 13.72 2.63
C GLY A 214 1.81 13.63 2.93
N GLU A 215 2.62 13.47 1.90
CA GLU A 215 4.07 13.56 2.06
C GLU A 215 4.37 14.89 2.74
N GLY A 216 5.22 14.88 3.74
CA GLY A 216 5.56 16.12 4.44
C GLY A 216 4.39 16.78 5.17
N LYS A 217 3.28 16.05 5.30
CA LYS A 217 2.13 16.50 6.10
C LYS A 217 1.67 15.37 7.03
N LEU A 218 2.47 15.15 8.05
CA LEU A 218 2.33 13.98 8.90
C LEU A 218 1.92 14.32 10.32
N ASP A 219 1.66 15.60 10.61
CA ASP A 219 1.44 16.00 12.01
C ASP A 219 0.26 15.26 12.66
N ILE A 220 -0.90 15.23 11.98
CA ILE A 220 -2.08 14.60 12.54
C ILE A 220 -1.84 13.10 12.64
N LEU A 221 -1.25 12.52 11.60
CA LEU A 221 -0.94 11.07 11.63
C LEU A 221 -0.10 10.74 12.87
N LYS A 222 0.95 11.51 13.13
CA LYS A 222 1.81 11.29 14.30
C LYS A 222 1.05 11.51 15.62
N ARG A 223 0.25 12.58 15.69
CA ARG A 223 -0.51 12.82 16.93
C ARG A 223 -1.43 11.64 17.27
N VAL A 224 -2.06 11.06 16.27
CA VAL A 224 -2.94 9.92 16.50
C VAL A 224 -2.14 8.66 16.86
N CYS A 225 -1.15 8.34 16.03
CA CYS A 225 -0.37 7.11 16.22
C CYS A 225 0.37 7.07 17.54
N ALA A 226 0.87 8.24 17.98
CA ALA A 226 1.59 8.31 19.27
C ALA A 226 0.71 7.85 20.43
N GLN A 227 -0.60 8.02 20.29
CA GLN A 227 -1.55 7.67 21.32
C GLN A 227 -2.04 6.24 21.23
N ILE A 228 -1.61 5.54 20.17
CA ILE A 228 -2.05 4.17 19.93
C ILE A 228 -0.97 3.14 20.26
N ASN A 229 0.19 3.30 19.66
CA ASN A 229 1.27 2.36 19.87
C ASN A 229 2.58 2.93 19.36
N LYS A 230 3.62 2.86 20.20
CA LYS A 230 4.97 3.25 19.78
C LYS A 230 5.41 2.62 18.45
N SER A 231 4.96 1.38 18.19
CA SER A 231 5.37 0.66 16.98
C SER A 231 4.99 1.44 15.73
N LEU A 232 3.86 2.12 15.79
CA LEU A 232 3.38 2.91 14.64
C LEU A 232 4.19 4.19 14.46
N LEU A 233 4.44 4.86 15.58
CA LEU A 233 5.24 6.06 15.54
C LEU A 233 6.64 5.77 15.02
N LYS A 234 7.18 4.61 15.36
CA LYS A 234 8.49 4.14 14.89
C LYS A 234 8.51 4.03 13.36
N ILE A 235 7.45 3.43 12.80
CA ILE A 235 7.33 3.33 11.33
C ILE A 235 7.38 4.71 10.69
N ILE A 236 6.65 5.67 11.25
CA ILE A 236 6.60 7.02 10.70
C ILE A 236 7.97 7.71 10.85
N ASN A 237 8.54 7.62 12.05
CA ASN A 237 9.80 8.30 12.35
C ASN A 237 10.95 7.73 11.53
N ASP A 238 10.96 6.42 11.33
CA ASP A 238 11.98 5.76 10.51
C ASP A 238 11.89 6.21 9.06
N TYR A 239 10.65 6.35 8.58
CA TYR A 239 10.41 6.85 7.24
C TYR A 239 10.87 8.31 7.11
N GLU A 240 10.56 9.14 8.11
CA GLU A 240 10.88 10.57 8.05
C GLU A 240 12.37 10.80 8.02
N GLU A 241 13.08 10.03 8.83
CA GLU A 241 14.51 10.17 8.94
C GLU A 241 15.18 9.88 7.60
N PHE A 242 14.84 8.75 7.00
N PHE A 242 14.81 8.74 7.01
CA PHE A 242 15.40 8.37 5.71
CA PHE A 242 15.27 8.26 5.70
C PHE A 242 14.98 9.35 4.60
C PHE A 242 14.90 9.20 4.55
N SER A 243 13.75 9.84 4.67
CA SER A 243 13.24 10.78 3.66
C SER A 243 14.01 12.10 3.64
N LYS A 244 14.29 12.64 4.83
CA LYS A 244 15.05 13.88 4.96
C LYS A 244 16.51 13.66 4.56
N GLU A 245 17.03 12.47 4.88
CA GLU A 245 18.37 12.05 4.43
C GLU A 245 18.42 12.03 2.90
N ARG A 246 17.37 11.49 2.29
CA ARG A 246 17.15 11.53 0.83
C ARG A 246 18.15 10.67 0.05
#